data_5I7Q
#
_entry.id   5I7Q
#
_cell.length_a   54.840
_cell.length_b   63.610
_cell.length_c   46.720
_cell.angle_alpha   90.00
_cell.angle_beta   90.00
_cell.angle_gamma   90.00
#
_symmetry.space_group_name_H-M   'P 21 21 2'
#
loop_
_entity.id
_entity.type
_entity.pdbx_description
1 polymer 'Peptidyl-prolyl cis-trans isomerase FKBP1A,FKBP-type 16 kDa peptidyl-prolyl cis-trans isomerase,Peptidyl-prolyl cis-trans isomerase FKBP1A'
2 water water
#
_entity_poly.entity_id   1
_entity_poly.type   'polypeptide(L)'
_entity_poly.pdbx_seq_one_letter_code
;GVQVETISPGDGRTFPKRGQTAVVHYTGMLEDGKKFDSSRDRNKPFKFMLGKQEVIRGWEEGVAQMSVGQRAKLTISPDY
AYGVPSPDLIQYFSRREFMDAGEPEIGAIMLFTAMDGSEMPGVIREINGDSITVDFNHPLAGQTLVFDVELLKLEAHHHH
HH
;
_entity_poly.pdbx_strand_id   A
#
# COMPACT_ATOMS: atom_id res chain seq x y z
N GLY A 1 -6.33 -14.55 -0.72
CA GLY A 1 -4.86 -14.74 -0.88
C GLY A 1 -4.31 -13.88 -2.00
N VAL A 2 -3.28 -14.39 -2.67
CA VAL A 2 -2.67 -13.71 -3.81
C VAL A 2 -2.55 -14.70 -4.97
N GLN A 3 -3.07 -14.33 -6.11
CA GLN A 3 -2.94 -15.11 -7.34
C GLN A 3 -1.82 -14.51 -8.18
N VAL A 4 -0.97 -15.38 -8.73
CA VAL A 4 0.19 -14.98 -9.50
C VAL A 4 0.02 -15.51 -10.92
N GLU A 5 0.03 -14.61 -11.90
CA GLU A 5 -0.08 -14.94 -13.31
C GLU A 5 1.05 -14.25 -14.05
N THR A 6 1.82 -15.00 -14.83
CA THR A 6 2.97 -14.41 -15.49
C THR A 6 2.54 -13.49 -16.62
N ILE A 7 3.21 -12.35 -16.73
CA ILE A 7 3.10 -11.48 -17.89
C ILE A 7 4.21 -11.80 -18.90
N SER A 8 5.44 -11.89 -18.41
CA SER A 8 6.60 -12.30 -19.20
C SER A 8 7.60 -12.97 -18.27
N PRO A 9 8.32 -13.98 -18.73
CA PRO A 9 9.11 -14.82 -17.82
C PRO A 9 10.44 -14.19 -17.41
N GLY A 10 10.94 -14.64 -16.27
CA GLY A 10 12.27 -14.32 -15.79
C GLY A 10 13.26 -15.41 -16.16
N ASP A 11 14.38 -15.45 -15.43
CA ASP A 11 15.43 -16.41 -15.73
C ASP A 11 15.12 -17.81 -15.22
N GLY A 12 14.06 -17.98 -14.44
CA GLY A 12 13.64 -19.28 -13.96
C GLY A 12 14.61 -19.95 -13.01
N ARG A 13 15.62 -19.22 -12.50
CA ARG A 13 16.64 -19.80 -11.63
CA ARG A 13 16.65 -19.80 -11.64
C ARG A 13 16.91 -18.98 -10.38
N THR A 14 16.82 -17.65 -10.45
CA THR A 14 17.18 -16.78 -9.32
C THR A 14 15.91 -16.30 -8.62
N PHE A 15 15.62 -16.87 -7.45
CA PHE A 15 14.41 -16.54 -6.71
C PHE A 15 14.75 -15.82 -5.40
N PRO A 16 13.92 -14.86 -4.98
CA PRO A 16 14.23 -14.10 -3.75
C PRO A 16 14.29 -15.00 -2.52
N LYS A 17 15.19 -14.63 -1.61
CA LYS A 17 15.35 -15.31 -0.34
C LYS A 17 15.12 -14.32 0.81
N ARG A 18 14.69 -14.86 1.94
CA ARG A 18 14.46 -14.06 3.13
C ARG A 18 15.69 -13.22 3.48
N GLY A 19 15.48 -11.94 3.74
CA GLY A 19 16.56 -11.04 4.06
C GLY A 19 17.21 -10.35 2.88
N GLN A 20 16.97 -10.82 1.66
CA GLN A 20 17.42 -10.09 0.49
C GLN A 20 16.51 -8.89 0.22
N THR A 21 17.06 -7.93 -0.50
CA THR A 21 16.32 -6.76 -0.96
C THR A 21 15.90 -6.98 -2.40
N ALA A 22 14.60 -6.89 -2.65
CA ALA A 22 14.08 -6.94 -4.00
C ALA A 22 13.96 -5.53 -4.57
N VAL A 23 14.35 -5.38 -5.84
CA VAL A 23 14.23 -4.13 -6.57
C VAL A 23 13.24 -4.37 -7.70
N VAL A 24 12.16 -3.58 -7.73
CA VAL A 24 11.06 -3.85 -8.65
C VAL A 24 10.57 -2.55 -9.29
N HIS A 25 9.90 -2.71 -10.44
CA HIS A 25 9.05 -1.67 -11.01
C HIS A 25 7.62 -2.18 -11.03
N TYR A 26 6.67 -1.34 -10.65
CA TYR A 26 5.30 -1.79 -10.52
C TYR A 26 4.30 -0.71 -10.91
N THR A 27 3.12 -1.19 -11.30
CA THR A 27 1.91 -0.39 -11.47
C THR A 27 0.81 -1.02 -10.63
N GLY A 28 0.17 -0.21 -9.79
CA GLY A 28 -0.91 -0.68 -8.93
C GLY A 28 -2.26 -0.22 -9.46
N MET A 29 -3.20 -1.16 -9.53
CA MET A 29 -4.53 -0.91 -10.07
C MET A 29 -5.59 -1.49 -9.16
N LEU A 30 -6.71 -0.78 -9.08
CA LEU A 30 -7.90 -1.32 -8.44
C LEU A 30 -8.52 -2.40 -9.32
N GLU A 31 -9.44 -3.15 -8.74
CA GLU A 31 -10.03 -4.30 -9.43
C GLU A 31 -10.66 -3.90 -10.76
N ASP A 32 -11.06 -2.64 -10.92
CA ASP A 32 -11.65 -2.19 -12.17
C ASP A 32 -10.62 -1.63 -13.16
N GLY A 33 -9.34 -1.57 -12.79
CA GLY A 33 -8.30 -1.12 -13.68
C GLY A 33 -7.78 0.28 -13.41
N LYS A 34 -8.45 1.04 -12.55
CA LYS A 34 -8.02 2.39 -12.24
C LYS A 34 -6.67 2.38 -11.53
N LYS A 35 -5.67 3.04 -12.12
CA LYS A 35 -4.35 3.11 -11.53
C LYS A 35 -4.38 3.93 -10.25
N PHE A 36 -3.66 3.44 -9.21
CA PHE A 36 -3.52 4.19 -7.97
C PHE A 36 -2.06 4.35 -7.51
N ASP A 37 -1.11 3.65 -8.11
CA ASP A 37 0.29 3.79 -7.72
C ASP A 37 1.18 3.28 -8.86
N SER A 38 2.38 3.87 -8.98
CA SER A 38 3.32 3.48 -10.03
C SER A 38 4.72 3.94 -9.66
N SER A 39 5.67 3.01 -9.65
CA SER A 39 7.06 3.39 -9.49
C SER A 39 7.65 3.87 -10.81
N ARG A 40 7.13 3.41 -11.95
CA ARG A 40 7.62 3.90 -13.24
C ARG A 40 7.33 5.39 -13.40
N ASP A 41 6.15 5.84 -12.94
CA ASP A 41 5.82 7.26 -12.99
C ASP A 41 6.74 8.09 -12.11
N ARG A 42 7.37 7.51 -11.09
CA ARG A 42 8.36 8.22 -10.28
C ARG A 42 9.78 8.10 -10.83
N ASN A 43 9.97 7.39 -11.94
CA ASN A 43 11.29 7.20 -12.53
C ASN A 43 12.26 6.61 -11.52
N LYS A 44 11.75 5.75 -10.64
CA LYS A 44 12.56 5.28 -9.53
C LYS A 44 12.07 3.90 -9.08
N PRO A 45 12.88 2.85 -9.27
CA PRO A 45 12.48 1.53 -8.78
C PRO A 45 12.24 1.53 -7.27
N PHE A 46 11.40 0.58 -6.84
CA PHE A 46 10.99 0.45 -5.45
C PHE A 46 11.66 -0.76 -4.83
N LYS A 47 12.18 -0.59 -3.62
CA LYS A 47 12.94 -1.62 -2.94
C LYS A 47 12.27 -2.02 -1.64
N PHE A 48 12.31 -3.31 -1.33
CA PHE A 48 11.84 -3.81 -0.05
C PHE A 48 12.60 -5.08 0.30
N MET A 49 12.60 -5.41 1.59
CA MET A 49 13.34 -6.57 2.09
C MET A 49 12.39 -7.74 2.31
N LEU A 50 12.65 -8.84 1.62
CA LEU A 50 11.82 -10.04 1.72
C LEU A 50 11.80 -10.54 3.16
N GLY A 51 10.59 -10.82 3.65
CA GLY A 51 10.42 -11.33 4.99
C GLY A 51 10.39 -10.28 6.07
N LYS A 52 10.68 -9.01 5.74
CA LYS A 52 10.61 -7.95 6.73
C LYS A 52 9.17 -7.54 7.03
N GLN A 53 8.22 -7.93 6.17
CA GLN A 53 6.82 -7.54 6.29
C GLN A 53 6.66 -6.03 6.28
N GLU A 54 7.48 -5.35 5.49
CA GLU A 54 7.30 -3.93 5.25
C GLU A 54 6.45 -3.66 4.02
N VAL A 55 6.08 -4.70 3.28
CA VAL A 55 5.07 -4.62 2.24
C VAL A 55 3.94 -5.59 2.59
N ILE A 56 2.81 -5.41 1.91
CA ILE A 56 1.63 -6.25 2.17
C ILE A 56 1.94 -7.74 1.95
N ARG A 57 1.16 -8.59 2.63
CA ARG A 57 1.35 -10.03 2.58
C ARG A 57 1.32 -10.57 1.15
N GLY A 58 0.42 -10.04 0.32
CA GLY A 58 0.36 -10.49 -1.07
C GLY A 58 1.65 -10.28 -1.83
N TRP A 59 2.40 -9.23 -1.49
CA TRP A 59 3.69 -9.00 -2.13
C TRP A 59 4.74 -9.96 -1.61
N GLU A 60 4.81 -10.14 -0.29
CA GLU A 60 5.73 -11.12 0.29
C GLU A 60 5.56 -12.48 -0.36
N GLU A 61 4.34 -13.00 -0.38
CA GLU A 61 4.11 -14.34 -0.92
C GLU A 61 4.22 -14.36 -2.44
N GLY A 62 3.75 -13.30 -3.11
CA GLY A 62 3.76 -13.29 -4.56
C GLY A 62 5.14 -13.10 -5.16
N VAL A 63 5.89 -12.13 -4.64
CA VAL A 63 7.21 -11.85 -5.22
C VAL A 63 8.17 -12.99 -4.91
N ALA A 64 7.95 -13.72 -3.81
CA ALA A 64 8.79 -14.88 -3.50
C ALA A 64 8.68 -15.97 -4.56
N GLN A 65 7.62 -15.93 -5.37
CA GLN A 65 7.41 -16.91 -6.42
C GLN A 65 8.01 -16.49 -7.76
N MET A 66 8.60 -15.30 -7.84
CA MET A 66 9.09 -14.75 -9.09
C MET A 66 10.60 -14.91 -9.20
N SER A 67 11.08 -15.11 -10.42
CA SER A 67 12.51 -15.13 -10.70
C SER A 67 12.95 -13.81 -11.32
N VAL A 68 14.24 -13.50 -11.15
CA VAL A 68 14.75 -12.20 -11.58
C VAL A 68 14.49 -12.01 -13.07
N GLY A 69 14.01 -10.82 -13.42
CA GLY A 69 13.62 -10.51 -14.78
C GLY A 69 12.15 -10.76 -15.08
N GLN A 70 11.44 -11.46 -14.19
CA GLN A 70 10.06 -11.83 -14.45
C GLN A 70 9.13 -10.64 -14.24
N ARG A 71 8.09 -10.59 -15.05
CA ARG A 71 6.98 -9.67 -14.88
C ARG A 71 5.72 -10.48 -14.64
N ALA A 72 5.01 -10.16 -13.56
CA ALA A 72 3.85 -10.96 -13.18
C ALA A 72 2.74 -10.07 -12.64
N LYS A 73 1.51 -10.58 -12.78
CA LYS A 73 0.31 -9.91 -12.33
C LYS A 73 -0.15 -10.53 -11.02
N LEU A 74 -0.15 -9.73 -9.96
CA LEU A 74 -0.53 -10.17 -8.62
C LEU A 74 -1.92 -9.64 -8.29
N THR A 75 -2.88 -10.56 -8.11
CA THR A 75 -4.24 -10.22 -7.70
C THR A 75 -4.39 -10.57 -6.23
N ILE A 76 -4.64 -9.56 -5.39
CA ILE A 76 -4.49 -9.68 -3.94
C ILE A 76 -5.82 -9.31 -3.28
N SER A 77 -6.35 -10.24 -2.49
CA SER A 77 -7.57 -9.97 -1.74
C SER A 77 -7.31 -8.95 -0.64
N PRO A 78 -8.36 -8.30 -0.12
CA PRO A 78 -8.14 -7.27 0.91
C PRO A 78 -7.38 -7.78 2.13
N ASP A 79 -7.71 -8.98 2.62
CA ASP A 79 -7.05 -9.49 3.82
C ASP A 79 -5.56 -9.76 3.60
N TYR A 80 -5.12 -9.89 2.34
CA TYR A 80 -3.71 -9.98 2.00
C TYR A 80 -3.12 -8.65 1.54
N ALA A 81 -3.90 -7.57 1.58
CA ALA A 81 -3.44 -6.25 1.22
C ALA A 81 -3.60 -5.33 2.42
N TYR A 82 -4.48 -4.34 2.36
CA TYR A 82 -4.57 -3.33 3.41
C TYR A 82 -5.80 -3.49 4.30
N GLY A 83 -6.37 -4.70 4.39
CA GLY A 83 -7.37 -5.02 5.39
C GLY A 83 -8.79 -4.73 4.96
N VAL A 84 -9.71 -4.82 5.93
CA VAL A 84 -11.11 -4.48 5.71
C VAL A 84 -11.46 -3.26 6.57
N PRO A 85 -12.46 -2.47 6.19
CA PRO A 85 -12.77 -1.26 6.96
C PRO A 85 -13.38 -1.57 8.32
N SER A 86 -13.14 -0.65 9.26
CA SER A 86 -13.72 -0.74 10.59
C SER A 86 -14.41 0.57 10.95
N PRO A 87 -15.65 0.54 11.43
CA PRO A 87 -16.29 1.79 11.88
C PRO A 87 -15.62 2.38 13.11
N ASP A 88 -14.89 1.58 13.89
CA ASP A 88 -14.16 2.11 15.03
C ASP A 88 -13.10 3.13 14.64
N LEU A 89 -12.66 3.13 13.39
CA LEU A 89 -11.62 4.04 12.93
C LEU A 89 -12.19 5.27 12.22
N ILE A 90 -13.50 5.48 12.29
CA ILE A 90 -14.13 6.71 11.82
C ILE A 90 -14.57 7.49 13.05
N GLN A 91 -13.91 8.62 13.30
CA GLN A 91 -14.14 9.39 14.50
C GLN A 91 -14.46 10.83 14.13
N TYR A 92 -15.03 11.55 15.11
CA TYR A 92 -15.49 12.91 14.92
C TYR A 92 -14.73 13.83 15.85
N PHE A 93 -14.30 14.97 15.33
CA PHE A 93 -13.48 15.92 16.07
C PHE A 93 -13.96 17.33 15.81
N SER A 94 -13.84 18.17 16.83
CA SER A 94 -14.14 19.59 16.71
C SER A 94 -13.07 20.30 15.88
N ARG A 95 -13.49 21.35 15.15
CA ARG A 95 -12.53 22.17 14.41
C ARG A 95 -11.42 22.67 15.33
N ARG A 96 -11.72 22.77 16.62
CA ARG A 96 -10.71 23.11 17.63
C ARG A 96 -9.45 22.28 17.48
N GLU A 97 -9.61 21.03 17.06
CA GLU A 97 -8.49 20.10 16.95
C GLU A 97 -7.71 20.24 15.65
N PHE A 98 -8.19 21.05 14.72
CA PHE A 98 -7.45 21.33 13.49
C PHE A 98 -6.61 22.57 13.69
N MET A 99 -5.29 22.42 13.62
CA MET A 99 -4.38 23.51 13.93
C MET A 99 -3.34 23.75 12.84
N ASP A 100 -3.49 23.12 11.68
CA ASP A 100 -2.65 23.39 10.53
C ASP A 100 -3.10 24.66 9.83
N ALA A 101 -2.33 25.08 8.83
CA ALA A 101 -2.59 26.33 8.14
C ALA A 101 -3.95 26.27 7.43
N GLY A 102 -4.62 27.42 7.39
CA GLY A 102 -5.88 27.53 6.67
C GLY A 102 -7.05 26.89 7.41
N GLU A 103 -8.05 26.50 6.63
CA GLU A 103 -9.23 25.82 7.14
C GLU A 103 -9.19 24.35 6.76
N PRO A 104 -9.95 23.51 7.46
CA PRO A 104 -9.97 22.09 7.09
C PRO A 104 -10.64 21.89 5.75
N GLU A 105 -10.11 20.94 4.97
CA GLU A 105 -10.62 20.60 3.65
C GLU A 105 -10.84 19.11 3.55
N ILE A 106 -11.81 18.72 2.70
CA ILE A 106 -12.03 17.30 2.41
C ILE A 106 -10.78 16.72 1.77
N GLY A 107 -10.39 15.54 2.22
CA GLY A 107 -9.21 14.89 1.68
C GLY A 107 -7.90 15.27 2.34
N ALA A 108 -7.89 16.28 3.20
CA ALA A 108 -6.67 16.64 3.92
C ALA A 108 -6.31 15.57 4.95
N ILE A 109 -5.01 15.35 5.11
CA ILE A 109 -4.50 14.42 6.11
C ILE A 109 -4.26 15.19 7.40
N MET A 110 -4.79 14.67 8.51
CA MET A 110 -4.53 15.16 9.85
C MET A 110 -3.70 14.12 10.58
N LEU A 111 -2.66 14.56 11.28
CA LEU A 111 -1.81 13.68 12.07
C LEU A 111 -2.21 13.75 13.54
N PHE A 112 -2.52 12.60 14.13
CA PHE A 112 -2.96 12.50 15.51
C PHE A 112 -1.98 11.61 16.28
N THR A 113 -1.82 11.88 17.57
CA THR A 113 -0.89 11.13 18.41
C THR A 113 -1.54 9.80 18.80
N ALA A 114 -0.93 8.70 18.38
CA ALA A 114 -1.43 7.37 18.69
C ALA A 114 -1.00 6.94 20.10
N MET A 115 -1.57 5.81 20.53
CA MET A 115 -1.31 5.31 21.88
C MET A 115 0.13 4.90 22.08
N ASP A 116 0.81 4.49 21.01
CA ASP A 116 2.22 4.13 21.12
C ASP A 116 3.14 5.35 21.13
N GLY A 117 2.62 6.54 20.87
CA GLY A 117 3.42 7.75 20.83
C GLY A 117 3.68 8.27 19.42
N SER A 118 3.51 7.43 18.40
CA SER A 118 3.70 7.86 17.03
CA SER A 118 3.70 7.85 17.03
C SER A 118 2.49 8.67 16.54
N GLU A 119 2.66 9.31 15.39
CA GLU A 119 1.58 10.07 14.78
C GLU A 119 0.95 9.22 13.69
N MET A 120 -0.38 9.02 13.78
CA MET A 120 -1.06 8.22 12.76
C MET A 120 -1.95 9.12 11.90
N PRO A 121 -2.03 8.85 10.59
CA PRO A 121 -2.75 9.75 9.70
C PRO A 121 -4.24 9.43 9.59
N GLY A 122 -5.03 10.51 9.57
CA GLY A 122 -6.45 10.40 9.26
C GLY A 122 -6.81 11.35 8.15
N VAL A 123 -7.83 10.97 7.38
CA VAL A 123 -8.27 11.72 6.21
C VAL A 123 -9.62 12.36 6.53
N ILE A 124 -9.71 13.68 6.34
CA ILE A 124 -10.97 14.39 6.50
C ILE A 124 -11.94 13.91 5.43
N ARG A 125 -13.07 13.36 5.84
CA ARG A 125 -14.11 12.89 4.94
C ARG A 125 -15.32 13.81 4.88
N GLU A 126 -15.69 14.43 6.00
CA GLU A 126 -16.84 15.30 6.08
C GLU A 126 -16.52 16.49 6.96
N ILE A 127 -17.16 17.62 6.67
CA ILE A 127 -17.19 18.77 7.57
C ILE A 127 -18.64 19.19 7.73
N ASN A 128 -19.16 19.11 8.95
CA ASN A 128 -20.56 19.46 9.24
C ASN A 128 -20.54 20.51 10.34
N GLY A 129 -20.52 21.77 9.94
CA GLY A 129 -20.36 22.84 10.92
C GLY A 129 -19.00 22.71 11.60
N ASP A 130 -19.02 22.55 12.92
CA ASP A 130 -17.81 22.43 13.72
C ASP A 130 -17.29 20.99 13.83
N SER A 131 -18.03 20.01 13.34
CA SER A 131 -17.65 18.61 13.47
C SER A 131 -16.95 18.13 12.21
N ILE A 132 -15.72 17.63 12.37
CA ILE A 132 -14.92 17.06 11.30
C ILE A 132 -14.98 15.55 11.42
N THR A 133 -15.33 14.87 10.32
CA THR A 133 -15.28 13.42 10.29
C THR A 133 -13.92 13.00 9.75
N VAL A 134 -13.19 12.23 10.55
CA VAL A 134 -11.85 11.78 10.19
C VAL A 134 -11.84 10.26 10.11
N ASP A 135 -11.39 9.73 8.98
CA ASP A 135 -11.32 8.29 8.74
C ASP A 135 -9.87 7.81 8.90
N PHE A 136 -9.63 6.95 9.88
CA PHE A 136 -8.32 6.38 10.13
C PHE A 136 -8.12 5.01 9.46
N ASN A 137 -9.14 4.47 8.80
CA ASN A 137 -8.94 3.26 8.02
C ASN A 137 -7.96 3.53 6.89
N HIS A 138 -7.21 2.52 6.52
CA HIS A 138 -6.34 2.65 5.36
C HIS A 138 -7.21 2.98 4.14
N PRO A 139 -6.83 3.96 3.32
CA PRO A 139 -7.70 4.35 2.19
C PRO A 139 -8.04 3.22 1.23
N LEU A 140 -7.25 2.16 1.18
CA LEU A 140 -7.50 1.03 0.30
C LEU A 140 -8.11 -0.16 1.03
N ALA A 141 -8.51 0.01 2.28
CA ALA A 141 -9.11 -1.09 3.03
C ALA A 141 -10.35 -1.64 2.32
N GLY A 142 -10.46 -2.97 2.30
CA GLY A 142 -11.60 -3.64 1.70
C GLY A 142 -11.54 -3.77 0.19
N GLN A 143 -10.47 -3.36 -0.44
CA GLN A 143 -10.37 -3.35 -1.89
C GLN A 143 -9.40 -4.43 -2.37
N THR A 144 -9.80 -5.17 -3.41
CA THR A 144 -8.89 -6.09 -4.08
C THR A 144 -7.94 -5.29 -4.97
N LEU A 145 -6.65 -5.60 -4.90
CA LEU A 145 -5.62 -4.86 -5.64
C LEU A 145 -4.96 -5.76 -6.68
N VAL A 146 -4.60 -5.13 -7.81
CA VAL A 146 -3.96 -5.81 -8.93
C VAL A 146 -2.65 -5.08 -9.21
N PHE A 147 -1.54 -5.80 -9.10
CA PHE A 147 -0.20 -5.24 -9.32
C PHE A 147 0.48 -5.91 -10.50
N ASP A 148 1.00 -5.08 -11.40
CA ASP A 148 1.94 -5.49 -12.43
C ASP A 148 3.33 -5.25 -11.87
N VAL A 149 4.03 -6.33 -11.53
CA VAL A 149 5.32 -6.26 -10.83
C VAL A 149 6.38 -6.87 -11.74
N GLU A 150 7.48 -6.14 -11.90
CA GLU A 150 8.68 -6.61 -12.58
C GLU A 150 9.81 -6.70 -11.55
N LEU A 151 10.37 -7.89 -11.38
CA LEU A 151 11.50 -8.10 -10.46
C LEU A 151 12.79 -7.79 -11.21
N LEU A 152 13.32 -6.58 -10.97
CA LEU A 152 14.49 -6.11 -11.71
C LEU A 152 15.79 -6.77 -11.26
N LYS A 153 15.97 -6.94 -9.95
CA LYS A 153 17.19 -7.52 -9.43
C LYS A 153 17.04 -7.75 -7.92
N LEU A 154 18.02 -8.43 -7.35
CA LEU A 154 18.10 -8.70 -5.93
C LEU A 154 19.38 -8.10 -5.38
N GLU A 155 19.30 -7.54 -4.16
CA GLU A 155 20.44 -6.90 -3.53
C GLU A 155 20.60 -7.41 -2.10
N ALA A 156 21.77 -7.13 -1.52
CA ALA A 156 22.06 -7.50 -0.13
C ALA A 156 21.84 -6.31 0.79
#